data_6VGY
#
_entry.id   6VGY
#
_cell.length_a   76.139
_cell.length_b   91.669
_cell.length_c   100.703
_cell.angle_alpha   90.000
_cell.angle_beta   90.000
_cell.angle_gamma   90.000
#
_symmetry.space_group_name_H-M   'P 21 21 21'
#
loop_
_entity.id
_entity.type
_entity.pdbx_description
1 polymer 'Orf1a protein'
2 non-polymer N~2~-{[(trans-4-ethylcyclohexyl)oxy]carbonyl}-N-{(2S)-1-hydroxy-3-[(3S)-2-oxopyrrolidin-3-yl]propan-2-yl}-L-leucinamide
3 water water
#
_entity_poly.entity_id   1
_entity_poly.type   'polypeptide(L)'
_entity_poly.pdbx_seq_one_letter_code
;MHHHHHHSGLVKMSHPSGDVEACMVQVTCGSMTLNGLWLDNTVWCPRHVMCPADQLSDPNYDALLISMTNHSFSVQKHIG
APANLRVVGHAMQGTLLKLTVDVANPSTPAYTFTTVKPGAAFSVLACYNGRPTGTFTVVMRPNYTIKGSFLCGSCGSVGY
TKEGSVINFCYMHQMELANGTHTGSAFDGTMYGAFMDKQVHQVQLTDKYCSVNVVAWLYAAILNGCAWFVKPNRTSVVSF
NEWALANQFTEFVGTQSVDMLAVKTGVAIEQLLYAIQQLYTGFQGKQILGSTMLEDEFTPEDVNMQIMGVVMQ
;
_entity_poly.pdbx_strand_id   A,B
#
loop_
_chem_comp.id
_chem_comp.type
_chem_comp.name
_chem_comp.formula
QZJ non-polymer N~2~-{[(trans-4-ethylcyclohexyl)oxy]carbonyl}-N-{(2S)-1-hydroxy-3-[(3S)-2-oxopyrrolidin-3-yl]propan-2-yl}-L-leucinamide 'C22 H39 N3 O5'
#
# COMPACT_ATOMS: atom_id res chain seq x y z
N HIS A 6 -20.43 -6.37 4.92
CA HIS A 6 -19.93 -4.96 5.11
C HIS A 6 -18.39 -4.88 5.08
N HIS A 7 -17.87 -4.19 4.07
CA HIS A 7 -16.44 -3.96 3.95
C HIS A 7 -16.01 -3.02 5.07
N SER A 8 -15.04 -3.46 5.87
CA SER A 8 -14.69 -2.75 7.09
C SER A 8 -13.94 -1.45 6.81
N GLY A 9 -13.30 -1.34 5.65
CA GLY A 9 -12.43 -0.22 5.40
C GLY A 9 -11.06 -0.36 6.03
N LEU A 10 -10.69 -1.57 6.43
CA LEU A 10 -9.39 -1.83 7.02
C LEU A 10 -8.47 -2.35 5.91
N VAL A 11 -7.47 -1.55 5.55
CA VAL A 11 -6.57 -1.89 4.45
C VAL A 11 -5.14 -1.61 4.89
N LYS A 12 -4.19 -2.11 4.09
CA LYS A 12 -2.77 -1.84 4.28
C LYS A 12 -2.48 -0.45 3.72
N MET A 13 -2.32 0.53 4.59
CA MET A 13 -2.13 1.92 4.20
C MET A 13 -0.68 2.32 4.46
N SER A 14 -0.06 2.99 3.49
CA SER A 14 1.27 3.52 3.71
C SER A 14 1.25 5.03 3.93
N HIS A 15 2.33 5.53 4.50
CA HIS A 15 2.50 6.98 4.60
C HIS A 15 2.74 7.58 3.22
N PRO A 16 2.24 8.78 2.94
CA PRO A 16 2.67 9.49 1.73
C PRO A 16 4.18 9.57 1.68
N SER A 17 4.76 9.29 0.51
CA SER A 17 6.20 9.06 0.38
C SER A 17 6.98 10.28 -0.11
N GLY A 18 6.30 11.39 -0.41
CA GLY A 18 6.97 12.51 -1.06
C GLY A 18 8.19 12.99 -0.30
N ASP A 19 8.05 13.15 1.02
CA ASP A 19 9.16 13.63 1.83
C ASP A 19 10.40 12.77 1.68
N VAL A 20 10.22 11.46 1.56
CA VAL A 20 11.34 10.54 1.48
C VAL A 20 11.82 10.41 0.06
N GLU A 21 10.91 10.48 -0.92
CA GLU A 21 11.35 10.42 -2.31
C GLU A 21 12.46 11.42 -2.56
N ALA A 22 12.35 12.58 -1.92
CA ALA A 22 13.25 13.70 -2.14
C ALA A 22 14.66 13.44 -1.66
N CYS A 23 14.86 12.42 -0.82
CA CYS A 23 16.16 12.12 -0.25
C CYS A 23 16.84 10.92 -0.91
N MET A 24 16.21 10.31 -1.91
CA MET A 24 16.75 9.10 -2.52
C MET A 24 17.75 9.45 -3.62
N VAL A 25 18.87 8.72 -3.62
CA VAL A 25 19.95 8.90 -4.58
C VAL A 25 20.47 7.53 -4.98
N GLN A 26 21.26 7.51 -6.03
CA GLN A 26 21.97 6.31 -6.44
C GLN A 26 23.40 6.41 -5.98
N VAL A 27 23.90 5.32 -5.41
CA VAL A 27 25.30 5.24 -4.99
C VAL A 27 26.00 4.15 -5.80
N THR A 28 27.14 4.51 -6.37
CA THR A 28 27.96 3.58 -7.15
C THR A 28 29.36 3.52 -6.58
N CYS A 29 29.91 2.32 -6.54
CA CYS A 29 31.26 2.08 -6.07
C CYS A 29 31.85 1.00 -6.97
N GLY A 30 32.83 1.39 -7.77
CA GLY A 30 33.30 0.49 -8.80
C GLY A 30 32.13 -0.07 -9.58
N SER A 31 31.91 -1.37 -9.45
CA SER A 31 30.97 -2.10 -10.28
C SER A 31 29.57 -2.23 -9.66
N MET A 32 29.41 -1.92 -8.39
CA MET A 32 28.12 -2.10 -7.73
C MET A 32 27.38 -0.78 -7.65
N THR A 33 26.05 -0.84 -7.72
CA THR A 33 25.23 0.33 -7.47
C THR A 33 23.99 -0.09 -6.69
N LEU A 34 23.50 0.85 -5.89
CA LEU A 34 22.29 0.65 -5.12
C LEU A 34 21.83 2.03 -4.69
N ASN A 35 20.92 2.07 -3.73
CA ASN A 35 20.27 3.30 -3.34
C ASN A 35 20.90 3.82 -2.07
N GLY A 36 20.78 5.12 -1.86
CA GLY A 36 21.21 5.73 -0.62
C GLY A 36 20.23 6.80 -0.20
N LEU A 37 20.42 7.27 1.03
CA LEU A 37 19.52 8.22 1.65
C LEU A 37 20.32 9.48 1.96
N TRP A 38 19.90 10.59 1.38
CA TRP A 38 20.65 11.86 1.39
C TRP A 38 19.95 12.81 2.36
N LEU A 39 20.52 12.96 3.54
CA LEU A 39 20.00 13.83 4.59
C LEU A 39 21.07 14.87 4.91
N ASP A 40 20.80 16.15 4.63
CA ASP A 40 21.77 17.23 4.89
C ASP A 40 23.00 16.96 4.04
N ASN A 41 24.18 16.80 4.62
CA ASN A 41 25.41 16.56 3.86
C ASN A 41 25.80 15.09 3.83
N THR A 42 24.92 14.21 4.32
CA THR A 42 25.22 12.79 4.52
C THR A 42 24.42 11.93 3.56
N VAL A 43 25.07 10.94 2.96
CA VAL A 43 24.40 9.92 2.17
C VAL A 43 24.65 8.60 2.87
N TRP A 44 23.56 7.91 3.23
CA TRP A 44 23.64 6.61 3.85
C TRP A 44 23.39 5.53 2.81
N CYS A 45 24.16 4.43 2.87
CA CYS A 45 23.92 3.31 1.98
C CYS A 45 24.52 2.05 2.59
N PRO A 46 24.09 0.87 2.12
CA PRO A 46 24.67 -0.37 2.64
C PRO A 46 26.12 -0.49 2.24
N ARG A 47 26.95 -0.94 3.18
CA ARG A 47 28.38 -1.03 2.93
C ARG A 47 28.71 -2.09 1.90
N HIS A 48 27.83 -3.06 1.65
CA HIS A 48 28.21 -4.02 0.61
C HIS A 48 28.18 -3.40 -0.78
N VAL A 49 27.91 -2.10 -0.92
CA VAL A 49 28.19 -1.47 -2.19
C VAL A 49 29.67 -1.58 -2.55
N MET A 50 30.54 -1.75 -1.55
CA MET A 50 31.97 -1.87 -1.79
C MET A 50 32.40 -3.24 -2.32
N CYS A 51 31.51 -4.23 -2.34
CA CYS A 51 31.95 -5.59 -2.60
CA CYS A 51 31.93 -5.61 -2.60
C CYS A 51 31.76 -5.97 -4.07
N PRO A 52 32.82 -6.43 -4.76
CA PRO A 52 32.61 -7.00 -6.09
C PRO A 52 31.70 -8.23 -5.98
N ALA A 53 30.91 -8.47 -7.02
CA ALA A 53 30.04 -9.64 -7.01
C ALA A 53 30.83 -10.91 -6.68
N ASP A 54 32.05 -11.02 -7.20
CA ASP A 54 32.87 -12.21 -6.99
C ASP A 54 32.86 -12.65 -5.54
N GLN A 55 32.99 -11.71 -4.62
CA GLN A 55 33.38 -12.02 -3.24
C GLN A 55 32.32 -11.58 -2.24
N LEU A 56 31.04 -11.86 -2.53
CA LEU A 56 29.94 -11.53 -1.63
C LEU A 56 29.72 -12.54 -0.50
N SER A 57 30.40 -13.70 -0.52
CA SER A 57 30.18 -14.72 0.49
C SER A 57 30.84 -14.37 1.83
N ASP A 58 32.08 -13.88 1.82
CA ASP A 58 32.78 -13.50 3.04
C ASP A 58 33.59 -12.24 2.78
N PRO A 59 32.91 -11.12 2.60
CA PRO A 59 33.65 -9.87 2.34
C PRO A 59 34.39 -9.43 3.59
N ASN A 60 35.55 -8.85 3.36
CA ASN A 60 36.35 -8.25 4.42
C ASN A 60 36.06 -6.76 4.40
N TYR A 61 35.04 -6.35 5.17
CA TYR A 61 34.53 -4.99 5.03
C TYR A 61 35.54 -3.97 5.53
N ASP A 62 36.26 -4.32 6.58
CA ASP A 62 37.27 -3.41 7.12
C ASP A 62 38.37 -3.17 6.08
N ALA A 63 38.81 -4.21 5.37
CA ALA A 63 39.85 -4.00 4.38
C ALA A 63 39.31 -3.32 3.13
N LEU A 64 38.06 -3.62 2.76
CA LEU A 64 37.45 -2.93 1.64
C LEU A 64 37.39 -1.43 1.89
N LEU A 65 36.95 -1.04 3.09
CA LEU A 65 36.87 0.38 3.44
C LEU A 65 38.23 1.06 3.34
N ILE A 66 39.25 0.41 3.89
CA ILE A 66 40.61 0.94 3.85
C ILE A 66 41.08 1.09 2.41
N SER A 67 40.73 0.14 1.55
CA SER A 67 41.12 0.24 0.15
C SER A 67 40.44 1.40 -0.57
N MET A 68 39.41 1.99 0.01
CA MET A 68 38.66 2.99 -0.72
C MET A 68 39.24 4.39 -0.50
N THR A 69 38.85 5.30 -1.40
CA THR A 69 38.99 6.73 -1.21
C THR A 69 37.68 7.41 -1.60
N ASN A 70 37.55 8.69 -1.23
CA ASN A 70 36.36 9.46 -1.59
C ASN A 70 36.00 9.31 -3.06
N HIS A 71 37.01 9.30 -3.93
CA HIS A 71 36.77 9.21 -5.36
C HIS A 71 36.30 7.84 -5.79
N SER A 72 36.34 6.83 -4.90
CA SER A 72 35.78 5.53 -5.21
C SER A 72 34.27 5.57 -5.38
N PHE A 73 33.62 6.51 -4.71
CA PHE A 73 32.18 6.57 -4.59
C PHE A 73 31.63 7.65 -5.51
N SER A 74 30.58 7.31 -6.26
CA SER A 74 29.86 8.25 -7.09
C SER A 74 28.41 8.29 -6.63
N VAL A 75 27.86 9.48 -6.44
CA VAL A 75 26.50 9.66 -5.98
C VAL A 75 25.78 10.53 -6.99
N GLN A 76 24.62 10.06 -7.46
CA GLN A 76 23.77 10.83 -8.37
C GLN A 76 22.35 10.90 -7.85
N LYS A 77 21.75 12.09 -7.91
CA LYS A 77 20.34 12.30 -7.60
C LYS A 77 19.56 12.36 -8.91
N HIS A 78 18.63 11.44 -9.11
CA HIS A 78 17.76 11.45 -10.29
C HIS A 78 16.36 11.99 -9.96
N ILE A 79 15.72 11.45 -8.93
CA ILE A 79 14.38 11.86 -8.56
C ILE A 79 14.41 13.30 -8.03
N LEU A 85 26.74 15.10 -7.59
CA LEU A 85 27.12 15.11 -6.18
C LEU A 85 28.48 14.48 -5.90
N ARG A 86 29.37 15.25 -5.26
CA ARG A 86 30.76 14.83 -5.05
C ARG A 86 30.95 14.41 -3.60
N VAL A 87 31.54 13.23 -3.42
CA VAL A 87 31.81 12.70 -2.09
C VAL A 87 33.13 13.27 -1.59
N VAL A 88 33.14 13.75 -0.33
CA VAL A 88 34.33 14.31 0.28
C VAL A 88 34.65 13.68 1.63
N GLY A 89 33.89 12.69 2.06
CA GLY A 89 34.20 11.96 3.27
C GLY A 89 33.54 10.60 3.17
N HIS A 90 34.10 9.64 3.90
CA HIS A 90 33.52 8.31 3.93
C HIS A 90 33.91 7.61 5.23
N ALA A 91 32.92 7.02 5.89
CA ALA A 91 33.08 6.29 7.14
C ALA A 91 32.10 5.13 7.16
N MET A 92 32.35 4.16 8.03
CA MET A 92 31.52 2.96 8.14
C MET A 92 30.91 2.93 9.54
N GLN A 93 29.60 2.75 9.60
CA GLN A 93 28.86 2.62 10.85
C GLN A 93 28.09 1.31 10.84
N GLY A 94 28.64 0.29 11.50
CA GLY A 94 28.01 -1.02 11.48
C GLY A 94 27.94 -1.53 10.06
N THR A 95 26.72 -1.85 9.62
CA THR A 95 26.50 -2.41 8.29
C THR A 95 26.21 -1.34 7.24
N LEU A 96 26.34 -0.06 7.59
CA LEU A 96 26.07 1.05 6.68
C LEU A 96 27.33 1.88 6.45
N LEU A 97 27.37 2.55 5.30
CA LEU A 97 28.31 3.63 5.05
C LEU A 97 27.63 4.97 5.25
N LYS A 98 28.38 5.92 5.79
CA LYS A 98 27.98 7.31 5.96
C LYS A 98 28.91 8.11 5.06
N LEU A 99 28.42 8.54 3.90
CA LEU A 99 29.21 9.31 2.95
C LEU A 99 28.92 10.80 3.13
N THR A 100 29.97 11.60 3.24
CA THR A 100 29.79 13.03 3.26
C THR A 100 29.92 13.58 1.85
N VAL A 101 28.91 14.34 1.42
CA VAL A 101 28.92 14.97 0.12
C VAL A 101 29.05 16.48 0.32
N ASP A 102 29.36 17.17 -0.77
CA ASP A 102 29.66 18.60 -0.69
C ASP A 102 28.40 19.46 -0.70
N VAL A 103 27.30 18.98 -1.25
CA VAL A 103 26.03 19.71 -1.28
C VAL A 103 25.09 19.15 -0.24
N ALA A 104 24.35 20.04 0.42
CA ALA A 104 23.37 19.65 1.43
C ALA A 104 22.02 19.41 0.77
N ASN A 105 21.30 18.40 1.23
CA ASN A 105 19.98 18.15 0.69
C ASN A 105 19.08 19.28 1.17
N PRO A 106 18.59 20.15 0.29
CA PRO A 106 17.78 21.29 0.77
C PRO A 106 16.45 20.82 1.34
N SER A 107 15.85 19.81 0.69
CA SER A 107 14.57 19.25 1.06
C SER A 107 14.69 18.12 2.08
N THR A 108 15.65 18.22 2.97
CA THR A 108 15.75 17.32 4.10
C THR A 108 14.55 17.52 5.02
N PRO A 109 13.70 16.51 5.22
CA PRO A 109 12.61 16.65 6.18
C PRO A 109 13.14 16.59 7.60
N ALA A 110 12.33 17.12 8.52
CA ALA A 110 12.57 16.87 9.93
C ALA A 110 12.51 15.38 10.17
N TYR A 111 13.50 14.87 10.89
CA TYR A 111 13.59 13.42 11.00
C TYR A 111 14.27 13.02 12.30
N THR A 112 14.10 11.76 12.64
CA THR A 112 14.81 11.09 13.71
C THR A 112 15.10 9.66 13.24
N PHE A 113 15.94 8.97 14.00
CA PHE A 113 16.28 7.58 13.75
C PHE A 113 15.73 6.77 14.91
N THR A 114 14.95 5.73 14.59
CA THR A 114 14.33 4.87 15.59
C THR A 114 14.53 3.42 15.18
N THR A 115 14.46 2.53 16.16
CA THR A 115 14.54 1.10 15.94
C THR A 115 13.17 0.51 16.27
N VAL A 116 12.45 0.06 15.24
CA VAL A 116 11.12 -0.52 15.44
C VAL A 116 11.26 -1.86 16.16
N LYS A 117 10.22 -2.21 16.92
CA LYS A 117 10.11 -3.48 17.63
C LYS A 117 9.13 -4.40 16.90
N PRO A 118 9.21 -5.71 17.14
CA PRO A 118 8.28 -6.63 16.52
C PRO A 118 6.82 -6.28 16.77
N GLY A 119 6.01 -6.50 15.75
CA GLY A 119 4.62 -6.14 15.77
C GLY A 119 4.32 -4.76 15.23
N ALA A 120 5.32 -3.90 15.14
CA ALA A 120 5.15 -2.53 14.68
C ALA A 120 5.19 -2.48 13.16
N ALA A 121 4.38 -1.57 12.60
CA ALA A 121 4.28 -1.36 11.16
C ALA A 121 5.15 -0.18 10.73
N PHE A 122 5.71 -0.27 9.52
CA PHE A 122 6.37 0.88 8.91
C PHE A 122 6.21 0.82 7.40
N SER A 123 6.31 1.98 6.78
CA SER A 123 6.22 2.11 5.33
C SER A 123 7.59 1.96 4.70
N VAL A 124 7.62 1.37 3.52
CA VAL A 124 8.85 1.16 2.77
C VAL A 124 8.71 1.85 1.43
N LEU A 125 9.74 2.59 1.04
CA LEU A 125 9.86 3.15 -0.30
C LEU A 125 10.85 2.29 -1.08
N ALA A 126 10.34 1.48 -1.99
CA ALA A 126 11.21 0.60 -2.74
C ALA A 126 11.79 1.34 -3.93
N CYS A 127 13.11 1.28 -4.07
CA CYS A 127 13.85 2.05 -5.05
C CYS A 127 14.78 1.16 -5.84
N TYR A 128 14.96 1.48 -7.12
CA TYR A 128 15.96 0.84 -7.97
C TYR A 128 16.73 1.94 -8.71
N ASN A 129 18.05 1.90 -8.60
CA ASN A 129 18.94 2.89 -9.22
C ASN A 129 18.61 4.31 -8.80
N GLY A 130 18.25 4.49 -7.53
CA GLY A 130 17.89 5.81 -7.05
C GLY A 130 16.52 6.29 -7.48
N ARG A 131 15.74 5.49 -8.22
CA ARG A 131 14.41 5.92 -8.63
C ARG A 131 13.36 5.23 -7.78
N PRO A 132 12.61 5.96 -6.94
CA PRO A 132 11.47 5.34 -6.24
C PRO A 132 10.48 4.69 -7.19
N THR A 133 10.17 3.43 -6.94
CA THR A 133 9.29 2.67 -7.83
C THR A 133 8.01 2.21 -7.18
N GLY A 134 7.97 2.09 -5.86
CA GLY A 134 6.77 1.58 -5.21
C GLY A 134 6.85 1.82 -3.73
N THR A 135 5.68 1.80 -3.09
CA THR A 135 5.60 1.93 -1.64
C THR A 135 4.61 0.92 -1.09
N PHE A 136 4.98 0.34 0.05
CA PHE A 136 4.12 -0.64 0.71
C PHE A 136 4.40 -0.58 2.21
N THR A 137 3.51 -1.19 2.99
CA THR A 137 3.65 -1.28 4.43
CA THR A 137 3.66 -1.27 4.43
C THR A 137 3.94 -2.71 4.85
N VAL A 138 4.81 -2.87 5.85
CA VAL A 138 5.19 -4.16 6.38
C VAL A 138 5.09 -4.10 7.89
N VAL A 139 5.13 -5.27 8.51
CA VAL A 139 5.24 -5.41 9.96
C VAL A 139 6.57 -6.08 10.24
N MET A 140 7.34 -5.51 11.16
CA MET A 140 8.51 -6.22 11.66
C MET A 140 8.05 -7.50 12.35
N ARG A 141 8.48 -8.66 11.83
CA ARG A 141 8.01 -9.91 12.40
C ARG A 141 8.74 -10.21 13.71
N PRO A 142 8.15 -11.03 14.58
CA PRO A 142 8.87 -11.48 15.78
C PRO A 142 10.23 -12.10 15.52
N ASN A 143 10.48 -12.65 14.35
CA ASN A 143 11.81 -13.16 14.05
C ASN A 143 12.71 -12.11 13.39
N TYR A 144 12.30 -10.84 13.41
CA TYR A 144 13.13 -9.72 12.93
C TYR A 144 13.33 -9.75 11.41
N THR A 145 12.36 -10.27 10.69
CA THR A 145 12.35 -10.18 9.24
C THR A 145 11.07 -9.47 8.84
N ILE A 146 11.00 -9.11 7.55
CA ILE A 146 9.83 -8.50 6.99
C ILE A 146 9.52 -9.21 5.69
N LYS A 147 8.28 -9.05 5.25
CA LYS A 147 7.86 -9.63 3.99
C LYS A 147 8.18 -8.62 2.88
N GLY A 148 7.20 -7.89 2.39
CA GLY A 148 7.48 -6.89 1.37
C GLY A 148 7.96 -7.49 0.05
N SER A 149 8.29 -6.58 -0.88
CA SER A 149 8.68 -6.94 -2.23
C SER A 149 9.99 -6.25 -2.55
N PHE A 150 11.07 -7.02 -2.70
CA PHE A 150 12.41 -6.48 -2.89
C PHE A 150 13.12 -7.36 -3.93
N LEU A 151 13.55 -6.78 -5.03
CA LEU A 151 14.32 -7.50 -6.04
C LEU A 151 15.75 -6.99 -6.07
N CYS A 152 16.57 -7.59 -6.96
CA CYS A 152 17.93 -7.11 -7.20
C CYS A 152 17.95 -5.62 -7.47
N GLY A 153 18.87 -4.91 -6.82
CA GLY A 153 18.99 -3.48 -6.97
C GLY A 153 18.22 -2.68 -5.93
N SER A 154 17.44 -3.35 -5.07
CA SER A 154 16.59 -2.69 -4.10
C SER A 154 17.33 -2.28 -2.84
N CYS A 155 18.57 -2.71 -2.65
CA CYS A 155 19.25 -2.42 -1.40
C CYS A 155 19.46 -0.94 -1.27
N GLY A 156 19.35 -0.44 -0.05
CA GLY A 156 19.30 0.98 0.15
C GLY A 156 17.89 1.55 0.21
N SER A 157 16.87 0.77 -0.16
CA SER A 157 15.50 1.24 0.04
C SER A 157 15.28 1.48 1.54
N VAL A 158 14.42 2.41 1.88
CA VAL A 158 14.31 2.77 3.28
C VAL A 158 12.88 2.58 3.77
N GLY A 159 12.77 2.26 5.06
CA GLY A 159 11.50 2.22 5.75
C GLY A 159 11.45 3.27 6.84
N TYR A 160 10.23 3.74 7.14
CA TYR A 160 10.03 4.90 8.00
C TYR A 160 8.61 4.87 8.58
N THR A 161 8.46 5.48 9.75
CA THR A 161 7.17 5.86 10.31
C THR A 161 7.11 7.38 10.35
N LYS A 162 5.95 7.92 10.74
CA LYS A 162 5.81 9.36 10.96
C LYS A 162 5.11 9.61 12.29
N GLU A 163 5.65 10.55 13.08
CA GLU A 163 4.95 11.20 14.19
C GLU A 163 4.84 12.68 13.80
N GLY A 164 3.69 13.07 13.29
CA GLY A 164 3.47 14.44 12.87
C GLY A 164 4.02 14.67 11.49
N SER A 165 4.77 15.76 11.32
CA SER A 165 5.55 15.96 10.11
C SER A 165 6.93 15.35 10.22
N VAL A 166 7.23 14.70 11.35
CA VAL A 166 8.56 14.15 11.62
C VAL A 166 8.64 12.72 11.08
N ILE A 167 9.63 12.46 10.23
CA ILE A 167 9.89 11.13 9.71
C ILE A 167 10.86 10.42 10.64
N ASN A 168 10.52 9.20 11.06
CA ASN A 168 11.42 8.37 11.83
C ASN A 168 11.92 7.26 10.92
N PHE A 169 13.19 7.36 10.50
CA PHE A 169 13.79 6.39 9.62
C PHE A 169 14.16 5.17 10.46
N CYS A 170 13.67 3.99 10.08
CA CYS A 170 13.92 2.81 10.89
C CYS A 170 14.54 1.64 10.15
N TYR A 171 14.70 1.71 8.83
CA TYR A 171 15.07 0.53 8.06
C TYR A 171 15.80 0.93 6.79
N MET A 172 16.89 0.22 6.50
CA MET A 172 17.53 0.32 5.19
C MET A 172 17.76 -1.09 4.69
N HIS A 173 17.12 -1.43 3.56
CA HIS A 173 17.10 -2.80 3.08
C HIS A 173 18.48 -3.32 2.73
N GLN A 174 18.74 -4.58 3.11
CA GLN A 174 20.03 -5.25 2.93
C GLN A 174 19.96 -6.58 2.20
N MET A 175 19.01 -7.44 2.51
CA MET A 175 19.17 -8.80 2.00
C MET A 175 17.84 -9.54 1.98
N GLU A 176 17.85 -10.65 1.26
CA GLU A 176 16.75 -11.61 1.21
C GLU A 176 17.22 -12.95 1.79
N LEU A 177 16.35 -13.63 2.52
CA LEU A 177 16.67 -14.95 3.06
C LEU A 177 16.13 -16.04 2.14
N ALA A 178 16.56 -17.26 2.40
CA ALA A 178 16.19 -18.37 1.54
C ALA A 178 14.68 -18.55 1.44
N ASN A 179 13.95 -18.28 2.51
CA ASN A 179 12.50 -18.41 2.52
C ASN A 179 11.76 -17.23 1.83
N GLY A 180 12.47 -16.30 1.19
CA GLY A 180 11.82 -15.17 0.54
C GLY A 180 11.55 -13.97 1.43
N THR A 181 11.85 -14.05 2.72
CA THR A 181 11.68 -12.87 3.57
C THR A 181 12.97 -12.01 3.52
N HIS A 182 12.91 -10.88 4.20
CA HIS A 182 13.89 -9.83 3.99
C HIS A 182 14.31 -9.25 5.33
N THR A 183 15.50 -8.66 5.33
CA THR A 183 15.91 -7.92 6.50
C THR A 183 16.91 -6.83 6.12
N GLY A 184 17.17 -5.96 7.08
CA GLY A 184 17.92 -4.76 6.80
C GLY A 184 18.49 -4.20 8.08
N SER A 185 18.99 -2.97 7.98
CA SER A 185 19.68 -2.31 9.08
C SER A 185 18.83 -1.19 9.67
N ALA A 186 19.00 -0.97 10.97
CA ALA A 186 18.58 0.31 11.52
C ALA A 186 19.70 1.32 11.27
N PHE A 187 19.37 2.60 11.41
CA PHE A 187 20.36 3.61 11.03
C PHE A 187 21.47 3.81 12.06
N ASP A 188 21.41 3.12 13.19
CA ASP A 188 22.60 3.00 14.03
C ASP A 188 23.60 1.96 13.51
N GLY A 189 23.32 1.35 12.33
CA GLY A 189 24.22 0.39 11.71
C GLY A 189 24.00 -1.06 12.08
N THR A 190 23.14 -1.37 13.03
CA THR A 190 22.88 -2.76 13.41
C THR A 190 21.82 -3.38 12.51
N MET A 191 22.01 -4.66 12.21
CA MET A 191 21.05 -5.46 11.46
C MET A 191 19.93 -5.91 12.39
N TYR A 192 18.69 -5.74 11.95
CA TYR A 192 17.57 -6.31 12.68
C TYR A 192 17.79 -7.81 12.83
N GLY A 193 17.60 -8.30 14.06
CA GLY A 193 17.72 -9.72 14.30
C GLY A 193 19.13 -10.28 14.18
N ALA A 194 20.16 -9.44 14.20
CA ALA A 194 21.54 -9.91 14.28
C ALA A 194 21.99 -10.66 13.03
N PHE A 195 21.24 -10.57 11.94
CA PHE A 195 21.70 -11.15 10.70
C PHE A 195 22.98 -10.46 10.25
N MET A 196 23.78 -11.19 9.50
CA MET A 196 25.03 -10.71 8.93
C MET A 196 24.79 -10.29 7.50
N ASP A 197 25.40 -9.17 7.10
CA ASP A 197 25.34 -8.75 5.71
C ASP A 197 26.44 -9.45 4.93
N LYS A 198 26.28 -10.78 4.90
CA LYS A 198 27.08 -11.68 4.09
C LYS A 198 26.14 -12.65 3.40
N GLN A 199 26.50 -13.08 2.20
CA GLN A 199 25.62 -13.90 1.38
C GLN A 199 25.86 -15.36 1.73
N VAL A 200 25.29 -15.75 2.88
CA VAL A 200 25.48 -17.08 3.43
C VAL A 200 24.22 -17.46 4.19
N HIS A 201 23.89 -18.74 4.14
CA HIS A 201 22.71 -19.22 4.83
C HIS A 201 22.82 -18.93 6.32
N GLN A 202 21.73 -18.49 6.92
CA GLN A 202 21.71 -18.09 8.31
C GLN A 202 20.42 -18.55 8.96
N VAL A 203 20.49 -18.81 10.27
CA VAL A 203 19.36 -19.33 11.05
C VAL A 203 18.29 -18.26 11.16
N GLN A 204 17.09 -18.58 10.66
CA GLN A 204 15.90 -17.75 10.85
C GLN A 204 15.00 -18.42 11.88
N LEU A 205 14.76 -17.74 13.01
CA LEU A 205 13.81 -18.23 14.00
C LEU A 205 12.40 -18.35 13.41
N THR A 206 11.52 -19.03 14.14
CA THR A 206 10.16 -19.21 13.67
C THR A 206 9.33 -17.96 13.97
N ASP A 207 8.44 -17.65 13.04
CA ASP A 207 7.53 -16.54 13.22
C ASP A 207 6.52 -16.88 14.31
N LYS A 208 5.94 -15.84 14.89
CA LYS A 208 4.89 -15.96 15.89
C LYS A 208 3.77 -14.98 15.54
N TYR A 209 2.62 -15.18 16.18
CA TYR A 209 1.52 -14.23 16.03
C TYR A 209 1.75 -13.06 16.97
N CYS A 210 1.63 -11.84 16.45
CA CYS A 210 1.71 -10.65 17.29
CA CYS A 210 1.71 -10.68 17.32
C CYS A 210 0.36 -10.50 17.99
N SER A 211 0.30 -10.91 19.26
CA SER A 211 -0.97 -10.94 19.99
C SER A 211 -1.65 -9.58 20.00
N VAL A 212 -0.89 -8.51 20.21
CA VAL A 212 -1.53 -7.20 20.33
C VAL A 212 -2.22 -6.83 19.02
N ASN A 213 -1.63 -7.22 17.89
CA ASN A 213 -2.29 -6.93 16.62
C ASN A 213 -3.49 -7.84 16.40
N VAL A 214 -3.41 -9.10 16.83
CA VAL A 214 -4.60 -9.95 16.77
C VAL A 214 -5.74 -9.31 17.57
N VAL A 215 -5.45 -8.81 18.77
CA VAL A 215 -6.48 -8.14 19.55
C VAL A 215 -7.06 -6.98 18.77
N ALA A 216 -6.20 -6.17 18.18
CA ALA A 216 -6.68 -5.01 17.45
C ALA A 216 -7.61 -5.42 16.32
N TRP A 217 -7.27 -6.51 15.64
CA TRP A 217 -8.09 -7.00 14.54
C TRP A 217 -9.46 -7.47 15.02
N LEU A 218 -9.50 -8.15 16.16
CA LEU A 218 -10.77 -8.56 16.72
C LEU A 218 -11.61 -7.36 17.10
N TYR A 219 -10.96 -6.32 17.64
CA TYR A 219 -11.70 -5.09 17.92
C TYR A 219 -12.26 -4.49 16.64
N ALA A 220 -11.49 -4.54 15.56
CA ALA A 220 -12.00 -4.03 14.30
C ALA A 220 -13.23 -4.81 13.86
N ALA A 221 -13.19 -6.14 14.02
CA ALA A 221 -14.35 -6.95 13.69
C ALA A 221 -15.57 -6.48 14.49
N ILE A 222 -15.41 -6.34 15.80
CA ILE A 222 -16.50 -5.87 16.64
C ILE A 222 -17.06 -4.55 16.11
N LEU A 223 -16.18 -3.58 15.87
CA LEU A 223 -16.64 -2.28 15.35
C LEU A 223 -17.35 -2.45 14.02
N ASN A 224 -16.94 -3.43 13.22
CA ASN A 224 -17.60 -3.68 11.95
C ASN A 224 -18.89 -4.45 12.12
N GLY A 225 -19.31 -4.73 13.35
CA GLY A 225 -20.53 -5.48 13.56
C GLY A 225 -20.36 -6.97 13.45
N CYS A 226 -19.15 -7.47 13.71
CA CYS A 226 -18.88 -8.91 13.74
C CYS A 226 -18.36 -9.20 15.13
N ALA A 227 -19.26 -9.66 16.01
CA ALA A 227 -18.92 -9.94 17.39
C ALA A 227 -19.41 -11.32 17.83
N TRP A 228 -19.63 -12.23 16.87
CA TRP A 228 -20.11 -13.55 17.24
C TRP A 228 -19.18 -14.24 18.23
N PHE A 229 -17.89 -13.95 18.15
CA PHE A 229 -16.89 -14.61 18.99
C PHE A 229 -16.79 -14.01 20.40
N VAL A 230 -17.53 -12.92 20.68
CA VAL A 230 -17.40 -12.26 21.98
C VAL A 230 -18.23 -13.01 23.01
N LYS A 231 -17.56 -13.48 24.05
CA LYS A 231 -18.17 -14.15 25.19
C LYS A 231 -17.82 -13.36 26.44
N PRO A 232 -18.59 -13.50 27.52
CA PRO A 232 -18.18 -12.90 28.80
C PRO A 232 -16.98 -13.57 29.43
N ASN A 233 -16.63 -14.77 28.97
CA ASN A 233 -15.43 -15.44 29.44
C ASN A 233 -14.21 -14.55 29.26
N ARG A 234 -13.28 -14.61 30.21
CA ARG A 234 -12.11 -13.74 30.24
C ARG A 234 -10.87 -14.54 30.59
N THR A 235 -9.74 -14.15 29.99
CA THR A 235 -8.43 -14.68 30.32
C THR A 235 -7.54 -13.50 30.70
N SER A 236 -6.83 -13.64 31.82
CA SER A 236 -5.94 -12.58 32.26
C SER A 236 -4.73 -12.49 31.34
N VAL A 237 -4.14 -11.30 31.29
CA VAL A 237 -2.90 -11.10 30.54
C VAL A 237 -1.87 -12.16 30.93
N VAL A 238 -1.70 -12.41 32.22
CA VAL A 238 -0.57 -13.23 32.66
C VAL A 238 -0.79 -14.69 32.27
N SER A 239 -2.03 -15.19 32.40
CA SER A 239 -2.28 -16.56 31.97
C SER A 239 -2.22 -16.68 30.46
N PHE A 240 -2.82 -15.72 29.74
CA PHE A 240 -2.66 -15.66 28.30
C PHE A 240 -1.19 -15.70 27.92
N ASN A 241 -0.39 -14.81 28.52
CA ASN A 241 1.03 -14.78 28.18
C ASN A 241 1.69 -16.12 28.47
N GLU A 242 1.32 -16.77 29.58
CA GLU A 242 1.76 -18.14 29.80
C GLU A 242 1.32 -19.05 28.66
N TRP A 243 0.03 -18.99 28.29
CA TRP A 243 -0.46 -19.80 27.17
C TRP A 243 0.32 -19.50 25.89
N ALA A 244 0.65 -18.22 25.68
CA ALA A 244 1.18 -17.80 24.39
C ALA A 244 2.55 -18.40 24.10
N LEU A 245 3.36 -18.60 25.13
CA LEU A 245 4.70 -19.12 24.92
C LEU A 245 4.67 -20.49 24.26
N ALA A 246 3.76 -21.35 24.69
CA ALA A 246 3.68 -22.71 24.18
C ALA A 246 2.89 -22.83 22.89
N ASN A 247 2.36 -21.73 22.37
CA ASN A 247 1.49 -21.82 21.20
C ASN A 247 1.83 -20.79 20.15
N GLN A 248 3.09 -20.34 20.11
CA GLN A 248 3.59 -19.50 19.02
C GLN A 248 2.89 -18.14 18.95
N PHE A 249 2.64 -17.56 20.12
CA PHE A 249 2.16 -16.20 20.22
C PHE A 249 3.16 -15.36 21.00
N THR A 250 3.13 -14.05 20.76
CA THR A 250 3.95 -13.07 21.46
C THR A 250 3.27 -12.63 22.75
N GLU A 251 4.10 -12.17 23.69
CA GLU A 251 3.60 -11.49 24.87
C GLU A 251 2.61 -10.42 24.46
N PHE A 252 1.47 -10.36 25.15
CA PHE A 252 0.56 -9.23 24.99
C PHE A 252 0.98 -8.13 25.94
N VAL A 253 1.17 -6.94 25.41
CA VAL A 253 1.44 -5.73 26.16
C VAL A 253 0.34 -4.74 25.81
N GLY A 254 -0.47 -4.38 26.80
CA GLY A 254 -1.47 -3.36 26.59
C GLY A 254 -0.85 -2.04 26.20
N THR A 255 -1.69 -1.13 25.70
CA THR A 255 -1.29 0.21 25.29
C THR A 255 -2.52 1.11 25.38
N GLN A 256 -2.28 2.43 25.31
CA GLN A 256 -3.38 3.37 25.25
C GLN A 256 -4.20 3.16 23.98
N SER A 257 -3.54 2.77 22.90
CA SER A 257 -4.26 2.57 21.65
C SER A 257 -5.26 1.42 21.78
N VAL A 258 -4.82 0.29 22.35
CA VAL A 258 -5.72 -0.83 22.59
C VAL A 258 -6.88 -0.37 23.48
N ASP A 259 -6.56 0.31 24.59
CA ASP A 259 -7.59 0.70 25.54
C ASP A 259 -8.66 1.55 24.87
N MET A 260 -8.25 2.45 23.98
CA MET A 260 -9.23 3.22 23.23
C MET A 260 -10.24 2.32 22.55
N LEU A 261 -9.77 1.18 22.03
CA LEU A 261 -10.65 0.30 21.28
C LEU A 261 -11.63 -0.41 22.21
N ALA A 262 -11.19 -0.81 23.40
CA ALA A 262 -12.12 -1.43 24.35
C ALA A 262 -13.15 -0.41 24.84
N VAL A 263 -12.78 0.88 24.86
CA VAL A 263 -13.75 1.91 25.20
C VAL A 263 -14.75 2.09 24.06
N LYS A 264 -14.25 2.23 22.82
CA LYS A 264 -15.13 2.36 21.66
C LYS A 264 -16.17 1.25 21.62
N THR A 265 -15.74 0.01 21.86
CA THR A 265 -16.61 -1.15 21.66
C THR A 265 -17.30 -1.59 22.93
N GLY A 266 -16.71 -1.33 24.09
CA GLY A 266 -17.25 -1.84 25.33
C GLY A 266 -16.91 -3.29 25.58
N VAL A 267 -15.96 -3.85 24.84
CA VAL A 267 -15.46 -5.21 25.05
C VAL A 267 -14.10 -5.11 25.71
N ALA A 268 -13.88 -5.90 26.74
CA ALA A 268 -12.65 -5.80 27.49
C ALA A 268 -11.56 -6.65 26.87
N ILE A 269 -10.33 -6.17 27.02
CA ILE A 269 -9.18 -6.87 26.46
C ILE A 269 -9.24 -8.36 26.81
N GLU A 270 -9.49 -8.66 28.08
CA GLU A 270 -9.36 -10.05 28.53
C GLU A 270 -10.43 -10.94 27.90
N GLN A 271 -11.57 -10.38 27.50
CA GLN A 271 -12.56 -11.14 26.74
C GLN A 271 -11.96 -11.60 25.41
N LEU A 272 -11.18 -10.73 24.76
CA LEU A 272 -10.59 -11.05 23.47
C LEU A 272 -9.41 -12.00 23.59
N LEU A 273 -8.60 -11.86 24.65
CA LEU A 273 -7.56 -12.84 24.90
C LEU A 273 -8.14 -14.23 25.09
N TYR A 274 -9.26 -14.32 25.82
CA TYR A 274 -9.93 -15.60 25.91
C TYR A 274 -10.34 -16.07 24.52
N ALA A 275 -10.90 -15.15 23.73
CA ALA A 275 -11.33 -15.49 22.39
C ALA A 275 -10.18 -16.01 21.53
N ILE A 276 -9.01 -15.38 21.63
CA ILE A 276 -7.87 -15.84 20.83
C ILE A 276 -7.59 -17.31 21.12
N GLN A 277 -7.60 -17.69 22.39
CA GLN A 277 -7.33 -19.09 22.74
C GLN A 277 -8.30 -20.04 22.05
N GLN A 278 -9.56 -19.64 21.88
CA GLN A 278 -10.52 -20.53 21.22
C GLN A 278 -10.37 -20.46 19.69
N LEU A 279 -10.25 -19.25 19.15
CA LEU A 279 -10.19 -19.08 17.70
C LEU A 279 -8.91 -19.64 17.11
N TYR A 280 -7.83 -19.70 17.90
CA TYR A 280 -6.59 -20.30 17.44
C TYR A 280 -6.81 -21.71 16.91
N THR A 281 -7.76 -22.43 17.48
CA THR A 281 -8.06 -23.79 17.02
C THR A 281 -8.82 -23.79 15.71
N GLY A 282 -9.49 -22.69 15.40
CA GLY A 282 -10.30 -22.56 14.19
C GLY A 282 -11.58 -21.84 14.55
N PHE A 283 -12.21 -21.25 13.53
CA PHE A 283 -13.46 -20.52 13.70
C PHE A 283 -14.69 -21.42 13.68
N GLN A 284 -14.52 -22.72 13.37
CA GLN A 284 -15.60 -23.70 13.50
C GLN A 284 -16.76 -23.38 12.55
N GLY A 285 -16.42 -23.10 11.30
CA GLY A 285 -17.41 -22.88 10.27
C GLY A 285 -17.81 -21.43 10.07
N LYS A 286 -17.41 -20.53 10.95
CA LYS A 286 -17.74 -19.12 10.85
C LYS A 286 -16.54 -18.31 10.32
N GLN A 287 -16.80 -17.03 10.01
CA GLN A 287 -15.80 -16.12 9.48
C GLN A 287 -15.70 -14.88 10.36
N ILE A 288 -14.52 -14.24 10.32
CA ILE A 288 -14.30 -12.94 10.94
C ILE A 288 -13.63 -12.04 9.92
N LEU A 289 -14.31 -10.98 9.52
CA LEU A 289 -13.77 -10.03 8.55
C LEU A 289 -13.28 -10.78 7.31
N GLY A 290 -14.15 -11.65 6.81
CA GLY A 290 -13.91 -12.41 5.61
C GLY A 290 -12.84 -13.48 5.70
N SER A 291 -12.29 -13.75 6.89
CA SER A 291 -11.17 -14.67 7.06
C SER A 291 -11.56 -15.86 7.94
N THR A 292 -10.85 -16.98 7.76
CA THR A 292 -11.01 -18.13 8.64
C THR A 292 -9.80 -18.34 9.55
N MET A 293 -8.80 -17.46 9.46
CA MET A 293 -7.62 -17.52 10.31
C MET A 293 -7.42 -16.16 10.98
N LEU A 294 -6.73 -16.18 12.11
CA LEU A 294 -6.40 -14.94 12.81
C LEU A 294 -5.43 -14.12 11.97
N GLU A 295 -5.61 -12.79 11.98
CA GLU A 295 -4.76 -11.83 11.26
C GLU A 295 -4.00 -10.96 12.25
N ASP A 296 -2.69 -10.82 12.05
CA ASP A 296 -1.87 -10.11 13.04
C ASP A 296 -1.02 -8.99 12.43
N GLU A 297 -1.40 -8.41 11.29
CA GLU A 297 -0.58 -7.37 10.69
C GLU A 297 -1.27 -6.01 10.65
N PHE A 298 -2.42 -5.87 11.32
CA PHE A 298 -3.06 -4.59 11.56
C PHE A 298 -2.91 -4.22 13.03
N THR A 299 -2.45 -3.00 13.27
CA THR A 299 -2.06 -2.56 14.60
C THR A 299 -3.21 -1.88 15.30
N PRO A 300 -3.10 -1.70 16.62
CA PRO A 300 -4.10 -0.87 17.30
C PRO A 300 -4.22 0.49 16.67
N GLU A 301 -3.08 1.06 16.27
CA GLU A 301 -3.10 2.38 15.67
C GLU A 301 -3.83 2.37 14.32
N ASP A 302 -3.58 1.34 13.49
CA ASP A 302 -4.34 1.20 12.25
C ASP A 302 -5.83 1.26 12.51
N VAL A 303 -6.31 0.44 13.44
CA VAL A 303 -7.76 0.27 13.60
C VAL A 303 -8.39 1.59 14.05
N ASN A 304 -7.79 2.24 15.03
CA ASN A 304 -8.29 3.55 15.50
C ASN A 304 -8.31 4.55 14.36
N MET A 305 -7.24 4.58 13.56
CA MET A 305 -7.13 5.57 12.48
C MET A 305 -8.14 5.31 11.37
N GLN A 306 -8.31 4.05 10.98
CA GLN A 306 -9.09 3.75 9.79
C GLN A 306 -10.56 3.47 10.09
N ILE A 307 -10.90 3.14 11.34
CA ILE A 307 -12.29 2.89 11.69
C ILE A 307 -12.80 3.87 12.75
N HIS B 6 7.42 -20.60 0.95
CA HIS B 6 8.30 -19.50 0.43
C HIS B 6 7.48 -18.24 0.15
N HIS B 7 7.83 -17.12 0.80
CA HIS B 7 7.16 -15.86 0.57
C HIS B 7 7.39 -15.39 -0.86
N SER B 8 6.30 -15.13 -1.59
CA SER B 8 6.40 -14.77 -3.00
C SER B 8 7.01 -13.39 -3.20
N GLY B 9 6.76 -12.46 -2.29
CA GLY B 9 7.03 -11.08 -2.58
C GLY B 9 5.94 -10.39 -3.35
N LEU B 10 4.77 -11.02 -3.49
CA LEU B 10 3.64 -10.42 -4.18
C LEU B 10 2.80 -9.70 -3.12
N VAL B 11 2.88 -8.37 -3.11
CA VAL B 11 2.20 -7.58 -2.09
C VAL B 11 1.49 -6.41 -2.73
N LYS B 12 0.58 -5.80 -1.97
CA LYS B 12 -0.13 -4.60 -2.40
C LYS B 12 0.83 -3.44 -2.39
N MET B 13 1.13 -2.92 -3.56
CA MET B 13 2.14 -1.89 -3.74
C MET B 13 1.48 -0.69 -4.38
N SER B 14 1.74 0.50 -3.86
CA SER B 14 1.27 1.75 -4.44
C SER B 14 2.38 2.48 -5.19
N HIS B 15 1.98 3.38 -6.08
CA HIS B 15 2.96 4.27 -6.69
C HIS B 15 3.43 5.30 -5.66
N PRO B 16 4.69 5.70 -5.72
CA PRO B 16 5.14 6.82 -4.86
C PRO B 16 4.24 8.02 -5.09
N SER B 17 3.87 8.69 -4.00
CA SER B 17 2.79 9.68 -4.02
C SER B 17 3.29 11.13 -4.11
N GLY B 18 4.61 11.35 -4.12
CA GLY B 18 5.12 12.72 -4.10
C GLY B 18 4.56 13.60 -5.19
N ASP B 19 4.49 13.10 -6.43
CA ASP B 19 4.00 13.91 -7.55
C ASP B 19 2.60 14.42 -7.31
N VAL B 20 1.75 13.59 -6.70
CA VAL B 20 0.36 13.96 -6.47
C VAL B 20 0.19 14.76 -5.19
N GLU B 21 1.04 14.50 -4.19
CA GLU B 21 1.00 15.29 -2.96
C GLU B 21 1.11 16.78 -3.27
N ALA B 22 1.97 17.14 -4.22
CA ALA B 22 2.21 18.54 -4.56
C ALA B 22 1.02 19.19 -5.25
N CYS B 23 0.01 18.41 -5.64
CA CYS B 23 -1.14 18.93 -6.35
C CYS B 23 -2.37 19.07 -5.47
N MET B 24 -2.32 18.66 -4.21
CA MET B 24 -3.52 18.58 -3.40
C MET B 24 -3.76 19.94 -2.73
N VAL B 25 -5.01 20.39 -2.79
CA VAL B 25 -5.43 21.62 -2.14
C VAL B 25 -6.70 21.36 -1.35
N GLN B 26 -7.06 22.32 -0.51
CA GLN B 26 -8.36 22.35 0.15
C GLN B 26 -9.27 23.32 -0.57
N VAL B 27 -10.51 22.90 -0.81
CA VAL B 27 -11.51 23.75 -1.43
C VAL B 27 -12.63 23.93 -0.42
N THR B 28 -13.08 25.18 -0.25
CA THR B 28 -14.19 25.47 0.63
C THR B 28 -15.25 26.26 -0.11
N CYS B 29 -16.50 25.86 0.07
CA CYS B 29 -17.66 26.60 -0.42
C CYS B 29 -18.63 26.66 0.75
N GLY B 30 -18.60 27.79 1.46
CA GLY B 30 -19.46 28.02 2.60
C GLY B 30 -19.12 27.18 3.81
N SER B 31 -20.04 26.29 4.17
CA SER B 31 -19.81 25.37 5.28
C SER B 31 -19.05 24.12 4.84
N MET B 32 -19.12 23.77 3.57
CA MET B 32 -18.57 22.52 3.09
C MET B 32 -17.09 22.68 2.72
N THR B 33 -16.26 21.74 3.18
CA THR B 33 -14.84 21.72 2.86
C THR B 33 -14.43 20.33 2.41
N LEU B 34 -13.64 20.25 1.35
CA LEU B 34 -13.10 18.97 0.93
C LEU B 34 -11.80 19.21 0.15
N ASN B 35 -11.35 18.21 -0.59
CA ASN B 35 -10.04 18.23 -1.24
C ASN B 35 -10.19 18.52 -2.72
N GLY B 36 -9.16 19.16 -3.29
CA GLY B 36 -9.13 19.43 -4.72
C GLY B 36 -7.76 19.11 -5.30
N LEU B 37 -7.76 18.96 -6.62
CA LEU B 37 -6.56 18.65 -7.39
C LEU B 37 -6.18 19.85 -8.25
N TRP B 38 -5.01 20.42 -7.99
CA TRP B 38 -4.53 21.64 -8.62
C TRP B 38 -3.54 21.23 -9.71
N LEU B 39 -3.97 21.33 -10.97
CA LEU B 39 -3.12 21.07 -12.12
C LEU B 39 -3.08 22.34 -12.98
N ASP B 40 -1.87 22.85 -13.26
CA ASP B 40 -1.65 24.10 -14.01
C ASP B 40 -2.60 25.12 -13.40
N ASN B 41 -3.43 25.83 -14.17
CA ASN B 41 -4.33 26.85 -13.62
C ASN B 41 -5.70 26.30 -13.26
N THR B 42 -5.85 25.00 -13.10
CA THR B 42 -7.15 24.43 -12.84
C THR B 42 -7.14 23.71 -11.49
N VAL B 43 -8.26 23.78 -10.77
CA VAL B 43 -8.48 23.02 -9.55
C VAL B 43 -9.75 22.21 -9.74
N TRP B 44 -9.62 20.88 -9.64
CA TRP B 44 -10.75 19.96 -9.73
C TRP B 44 -11.24 19.57 -8.34
N CYS B 45 -12.55 19.53 -8.16
CA CYS B 45 -13.10 19.01 -6.91
C CYS B 45 -14.53 18.53 -7.14
N PRO B 46 -15.08 17.70 -6.25
CA PRO B 46 -16.46 17.26 -6.42
C PRO B 46 -17.41 18.44 -6.29
N ARG B 47 -18.47 18.40 -7.09
CA ARG B 47 -19.39 19.53 -7.14
C ARG B 47 -20.30 19.62 -5.93
N HIS B 48 -20.41 18.58 -5.11
CA HIS B 48 -21.30 18.70 -3.96
C HIS B 48 -20.69 19.56 -2.86
N VAL B 49 -19.46 20.03 -3.01
CA VAL B 49 -18.95 21.10 -2.16
C VAL B 49 -19.90 22.29 -2.22
N MET B 50 -20.68 22.43 -3.31
CA MET B 50 -21.63 23.53 -3.47
C MET B 50 -22.91 23.37 -2.68
N CYS B 51 -23.14 22.19 -2.10
CA CYS B 51 -24.42 21.86 -1.50
CA CYS B 51 -24.42 21.83 -1.49
C CYS B 51 -24.36 22.03 0.01
N PRO B 52 -25.30 22.77 0.59
CA PRO B 52 -25.45 22.74 2.06
C PRO B 52 -26.10 21.44 2.50
N ALA B 53 -25.71 20.96 3.68
CA ALA B 53 -26.18 19.66 4.16
C ALA B 53 -27.71 19.55 4.17
N ASP B 54 -28.42 20.68 4.19
CA ASP B 54 -29.88 20.67 4.11
C ASP B 54 -30.36 20.01 2.82
N GLN B 55 -29.89 20.52 1.68
CA GLN B 55 -30.40 20.15 0.36
C GLN B 55 -29.61 19.02 -0.31
N LEU B 56 -28.86 18.21 0.46
CA LEU B 56 -27.98 17.17 -0.11
C LEU B 56 -28.74 15.98 -0.71
N SER B 57 -30.06 15.93 -0.61
CA SER B 57 -30.82 14.75 -1.01
C SER B 57 -31.56 14.93 -2.33
N ASP B 58 -31.94 16.15 -2.68
CA ASP B 58 -32.32 16.52 -4.05
C ASP B 58 -31.60 17.82 -4.36
N PRO B 59 -30.27 17.78 -4.47
CA PRO B 59 -29.53 18.98 -4.86
C PRO B 59 -29.78 19.32 -6.31
N ASN B 60 -29.97 20.62 -6.57
CA ASN B 60 -30.12 21.13 -7.93
C ASN B 60 -28.82 21.81 -8.28
N TYR B 61 -27.92 21.03 -8.90
CA TYR B 61 -26.58 21.53 -9.17
C TYR B 61 -26.58 22.64 -10.23
N ASP B 62 -27.48 22.57 -11.21
CA ASP B 62 -27.44 23.58 -12.27
C ASP B 62 -27.75 24.95 -11.68
N ALA B 63 -28.65 25.00 -10.71
CA ALA B 63 -29.02 26.26 -10.08
C ALA B 63 -28.00 26.68 -9.05
N LEU B 64 -27.36 25.72 -8.38
CA LEU B 64 -26.32 26.08 -7.42
C LEU B 64 -25.14 26.71 -8.11
N LEU B 65 -24.69 26.11 -9.20
CA LEU B 65 -23.62 26.70 -10.00
C LEU B 65 -23.95 28.15 -10.37
N ILE B 66 -25.14 28.37 -10.94
CA ILE B 66 -25.56 29.70 -11.37
CA ILE B 66 -25.49 29.72 -11.39
C ILE B 66 -25.44 30.72 -10.24
N SER B 67 -25.78 30.28 -9.02
CA SER B 67 -25.81 31.19 -7.87
C SER B 67 -24.43 31.53 -7.34
N MET B 68 -23.37 30.88 -7.81
CA MET B 68 -22.05 31.12 -7.28
C MET B 68 -21.40 32.25 -8.07
N THR B 69 -20.51 32.98 -7.39
CA THR B 69 -19.51 33.82 -8.03
C THR B 69 -18.14 33.21 -7.79
N ASN B 70 -17.14 33.81 -8.42
CA ASN B 70 -15.77 33.36 -8.18
C ASN B 70 -15.39 33.46 -6.72
N HIS B 71 -15.98 34.41 -5.97
CA HIS B 71 -15.64 34.55 -4.55
C HIS B 71 -16.29 33.50 -3.67
N SER B 72 -17.23 32.72 -4.19
CA SER B 72 -17.88 31.68 -3.42
C SER B 72 -16.94 30.53 -3.10
N PHE B 73 -15.79 30.48 -3.74
CA PHE B 73 -14.87 29.35 -3.64
C PHE B 73 -13.56 29.82 -3.01
N SER B 74 -13.19 29.20 -1.90
CA SER B 74 -11.88 29.41 -1.29
C SER B 74 -11.00 28.18 -1.49
N VAL B 75 -9.82 28.38 -2.08
CA VAL B 75 -8.85 27.31 -2.34
C VAL B 75 -7.60 27.58 -1.52
N GLN B 76 -7.20 26.62 -0.68
CA GLN B 76 -6.01 26.77 0.15
C GLN B 76 -5.02 25.65 -0.15
N LYS B 77 -3.73 26.01 -0.16
CA LYS B 77 -2.63 25.05 -0.24
C LYS B 77 -1.98 24.95 1.13
N HIS B 78 -1.76 23.71 1.60
CA HIS B 78 -1.07 23.45 2.86
C HIS B 78 0.20 22.63 2.62
N ILE B 79 0.07 21.36 2.24
CA ILE B 79 1.22 20.58 1.80
C ILE B 79 2.04 21.39 0.80
N LEU B 85 -4.74 31.01 -2.90
CA LEU B 85 -5.04 30.97 -4.33
C LEU B 85 -6.34 31.67 -4.67
N ARG B 86 -6.34 32.47 -5.74
CA ARG B 86 -7.52 33.20 -6.16
C ARG B 86 -8.21 32.52 -7.33
N VAL B 87 -9.52 32.29 -7.15
CA VAL B 87 -10.36 31.69 -8.16
C VAL B 87 -10.85 32.77 -9.12
N VAL B 88 -10.53 32.60 -10.40
CA VAL B 88 -10.89 33.57 -11.43
C VAL B 88 -11.83 32.98 -12.47
N GLY B 89 -12.32 31.77 -12.25
CA GLY B 89 -13.34 31.21 -13.10
C GLY B 89 -13.90 29.96 -12.44
N HIS B 90 -15.10 29.60 -12.83
CA HIS B 90 -15.74 28.41 -12.28
C HIS B 90 -16.64 27.81 -13.35
N ALA B 91 -16.70 26.48 -13.33
CA ALA B 91 -17.43 25.72 -14.34
C ALA B 91 -17.69 24.34 -13.78
N MET B 92 -18.71 23.69 -14.36
CA MET B 92 -19.13 22.37 -13.93
C MET B 92 -18.98 21.39 -15.09
N GLN B 93 -18.38 20.24 -14.80
CA GLN B 93 -18.16 19.20 -15.79
C GLN B 93 -18.62 17.89 -15.15
N GLY B 94 -19.84 17.49 -15.48
CA GLY B 94 -20.38 16.27 -14.92
C GLY B 94 -20.57 16.41 -13.43
N THR B 95 -19.95 15.53 -12.64
CA THR B 95 -20.03 15.60 -11.19
C THR B 95 -18.87 16.35 -10.56
N LEU B 96 -18.05 17.05 -11.36
CA LEU B 96 -16.89 17.76 -10.86
C LEU B 96 -17.00 19.24 -11.18
N LEU B 97 -16.39 20.05 -10.32
CA LEU B 97 -16.18 21.46 -10.61
C LEU B 97 -14.79 21.62 -11.21
N LYS B 98 -14.70 22.48 -12.19
CA LYS B 98 -13.45 22.91 -12.77
C LYS B 98 -13.28 24.40 -12.43
N LEU B 99 -12.41 24.69 -11.46
CA LEU B 99 -12.12 26.03 -11.01
C LEU B 99 -10.85 26.52 -11.68
N THR B 100 -10.88 27.74 -12.20
CA THR B 100 -9.66 28.33 -12.73
C THR B 100 -9.08 29.26 -11.69
N VAL B 101 -7.79 29.11 -11.42
CA VAL B 101 -7.09 29.94 -10.46
C VAL B 101 -6.02 30.75 -11.19
N ASP B 102 -5.55 31.80 -10.53
CA ASP B 102 -4.67 32.77 -11.18
C ASP B 102 -3.21 32.43 -11.05
N VAL B 103 -2.89 31.26 -10.49
CA VAL B 103 -1.51 30.77 -10.41
C VAL B 103 -1.46 29.35 -10.94
N ALA B 104 -0.48 29.07 -11.80
CA ALA B 104 -0.26 27.74 -12.34
C ALA B 104 0.57 26.94 -11.34
N ASN B 105 0.09 25.76 -11.00
CA ASN B 105 0.82 24.92 -10.03
C ASN B 105 2.24 24.70 -10.52
N PRO B 106 3.25 25.20 -9.81
CA PRO B 106 4.63 25.03 -10.28
C PRO B 106 5.13 23.59 -10.22
N SER B 107 4.36 22.66 -9.66
CA SER B 107 4.77 21.26 -9.60
C SER B 107 3.78 20.33 -10.31
N THR B 108 3.12 20.80 -11.34
CA THR B 108 2.21 19.96 -12.10
C THR B 108 3.00 18.83 -12.76
N PRO B 109 2.64 17.56 -12.52
CA PRO B 109 3.27 16.47 -13.27
C PRO B 109 2.72 16.40 -14.68
N ALA B 110 3.48 15.75 -15.56
CA ALA B 110 2.91 15.28 -16.81
C ALA B 110 1.74 14.38 -16.48
N TYR B 111 0.61 14.59 -17.13
CA TYR B 111 -0.58 13.87 -16.73
C TYR B 111 -1.52 13.72 -17.91
N THR B 112 -2.37 12.73 -17.78
CA THR B 112 -3.50 12.43 -18.65
C THR B 112 -4.71 12.15 -17.78
N PHE B 113 -5.87 12.14 -18.41
CA PHE B 113 -7.14 11.82 -17.76
C PHE B 113 -7.65 10.62 -18.56
N THR B 114 -7.54 9.43 -17.99
CA THR B 114 -8.05 8.25 -18.68
C THR B 114 -8.92 7.47 -17.70
N THR B 115 -10.15 7.20 -18.11
CA THR B 115 -11.02 6.36 -17.30
C THR B 115 -10.43 4.95 -17.21
N VAL B 116 -10.56 4.31 -16.03
CA VAL B 116 -10.08 2.94 -15.86
C VAL B 116 -11.26 2.00 -15.97
N LYS B 117 -10.96 0.80 -16.38
CA LYS B 117 -11.95 -0.24 -16.56
C LYS B 117 -11.90 -1.24 -15.41
N PRO B 118 -12.95 -2.01 -15.24
CA PRO B 118 -12.97 -3.01 -14.15
C PRO B 118 -11.79 -3.94 -14.23
N GLY B 119 -11.24 -4.29 -13.06
CA GLY B 119 -10.08 -5.14 -12.96
C GLY B 119 -8.76 -4.41 -12.93
N ALA B 120 -8.73 -3.16 -13.37
CA ALA B 120 -7.51 -2.37 -13.32
C ALA B 120 -7.26 -1.91 -11.89
N ALA B 121 -5.99 -1.83 -11.54
CA ALA B 121 -5.57 -1.38 -10.22
C ALA B 121 -5.06 0.07 -10.29
N PHE B 122 -5.29 0.84 -9.22
CA PHE B 122 -4.68 2.17 -9.14
C PHE B 122 -4.39 2.56 -7.70
N SER B 123 -3.52 3.55 -7.54
CA SER B 123 -3.18 4.07 -6.23
C SER B 123 -4.14 5.17 -5.85
N VAL B 124 -4.40 5.28 -4.55
CA VAL B 124 -5.22 6.32 -3.97
C VAL B 124 -4.38 7.07 -2.95
N LEU B 125 -4.44 8.41 -3.00
CA LEU B 125 -3.83 9.26 -1.98
C LEU B 125 -5.00 9.83 -1.17
N ALA B 126 -5.19 9.28 0.02
CA ALA B 126 -6.28 9.71 0.90
C ALA B 126 -5.89 11.01 1.58
N CYS B 127 -6.76 12.02 1.50
CA CYS B 127 -6.48 13.35 1.99
C CYS B 127 -7.65 13.87 2.82
N TYR B 128 -7.33 14.69 3.83
CA TYR B 128 -8.32 15.38 4.66
C TYR B 128 -7.91 16.83 4.84
N ASN B 129 -8.81 17.74 4.49
CA ASN B 129 -8.53 19.17 4.47
C ASN B 129 -7.27 19.48 3.66
N GLY B 130 -7.14 18.86 2.49
CA GLY B 130 -6.01 19.19 1.65
C GLY B 130 -4.68 18.63 2.11
N ARG B 131 -4.66 17.85 3.20
CA ARG B 131 -3.44 17.25 3.73
C ARG B 131 -3.39 15.75 3.42
N PRO B 132 -2.45 15.27 2.61
CA PRO B 132 -2.34 13.82 2.40
C PRO B 132 -2.08 13.08 3.69
N THR B 133 -2.84 12.02 3.95
CA THR B 133 -2.65 11.23 5.15
C THR B 133 -2.22 9.81 4.89
N GLY B 134 -2.60 9.20 3.77
CA GLY B 134 -2.17 7.84 3.51
C GLY B 134 -2.41 7.48 2.07
N THR B 135 -1.80 6.37 1.66
CA THR B 135 -1.92 5.87 0.30
C THR B 135 -2.09 4.35 0.31
N PHE B 136 -2.92 3.87 -0.61
CA PHE B 136 -3.19 2.45 -0.73
C PHE B 136 -3.59 2.19 -2.17
N THR B 137 -3.61 0.92 -2.55
CA THR B 137 -4.01 0.53 -3.89
CA THR B 137 -4.02 0.52 -3.89
C THR B 137 -5.35 -0.20 -3.83
N VAL B 138 -6.15 0.01 -4.87
CA VAL B 138 -7.46 -0.56 -5.00
C VAL B 138 -7.61 -1.08 -6.42
N VAL B 139 -8.63 -1.93 -6.60
CA VAL B 139 -8.99 -2.48 -7.90
C VAL B 139 -10.40 -2.00 -8.18
N MET B 140 -10.62 -1.42 -9.35
CA MET B 140 -11.97 -1.07 -9.76
C MET B 140 -12.75 -2.37 -9.96
N ARG B 141 -13.79 -2.60 -9.16
CA ARG B 141 -14.52 -3.85 -9.30
C ARG B 141 -15.46 -3.83 -10.49
N PRO B 142 -15.88 -5.01 -10.97
CA PRO B 142 -16.86 -5.06 -12.07
C PRO B 142 -18.18 -4.36 -11.78
N ASN B 143 -18.52 -4.14 -10.51
CA ASN B 143 -19.69 -3.34 -10.17
C ASN B 143 -19.31 -1.87 -9.87
N TYR B 144 -18.13 -1.44 -10.31
CA TYR B 144 -17.72 -0.03 -10.31
C TYR B 144 -17.63 0.56 -8.91
N THR B 145 -17.22 -0.26 -7.97
CA THR B 145 -16.88 0.17 -6.63
C THR B 145 -15.44 -0.17 -6.34
N ILE B 146 -14.88 0.47 -5.31
CA ILE B 146 -13.57 0.13 -4.79
C ILE B 146 -13.68 -0.05 -3.28
N LYS B 147 -12.73 -0.80 -2.72
CA LYS B 147 -12.69 -0.94 -1.27
C LYS B 147 -11.90 0.21 -0.64
N GLY B 148 -10.74 -0.07 -0.06
CA GLY B 148 -9.98 1.02 0.52
C GLY B 148 -10.60 1.63 1.79
N SER B 149 -9.97 2.72 2.27
CA SER B 149 -10.33 3.36 3.54
C SER B 149 -10.59 4.85 3.30
N PHE B 150 -11.85 5.29 3.44
CA PHE B 150 -12.25 6.68 3.25
C PHE B 150 -13.20 7.09 4.37
N LEU B 151 -12.89 8.17 5.07
CA LEU B 151 -13.72 8.69 6.16
C LEU B 151 -14.32 10.03 5.75
N CYS B 152 -15.10 10.62 6.65
CA CYS B 152 -15.61 11.96 6.42
C CYS B 152 -14.48 12.92 6.09
N GLY B 153 -14.71 13.79 5.11
CA GLY B 153 -13.73 14.75 4.67
C GLY B 153 -12.81 14.26 3.57
N SER B 154 -12.89 12.99 3.19
CA SER B 154 -11.94 12.46 2.21
C SER B 154 -12.34 12.75 0.77
N CYS B 155 -13.54 13.26 0.52
CA CYS B 155 -13.94 13.52 -0.85
C CYS B 155 -12.94 14.45 -1.51
N GLY B 156 -12.73 14.24 -2.81
CA GLY B 156 -11.68 14.94 -3.55
C GLY B 156 -10.36 14.21 -3.56
N SER B 157 -10.19 13.20 -2.72
CA SER B 157 -9.00 12.35 -2.77
C SER B 157 -8.92 11.69 -4.14
N VAL B 158 -7.71 11.52 -4.65
CA VAL B 158 -7.58 11.12 -6.05
C VAL B 158 -6.88 9.78 -6.16
N GLY B 159 -7.25 9.05 -7.20
CA GLY B 159 -6.58 7.82 -7.57
C GLY B 159 -5.91 8.01 -8.91
N TYR B 160 -4.81 7.29 -9.11
CA TYR B 160 -3.90 7.58 -10.21
C TYR B 160 -3.04 6.34 -10.48
N THR B 161 -2.49 6.27 -11.68
CA THR B 161 -1.41 5.37 -12.03
C THR B 161 -0.30 6.17 -12.67
N LYS B 162 0.85 5.52 -12.89
CA LYS B 162 1.99 6.19 -13.49
C LYS B 162 2.66 5.26 -14.48
N GLU B 163 2.83 5.73 -15.71
CA GLU B 163 3.51 5.01 -16.79
C GLU B 163 4.57 5.95 -17.32
N GLY B 164 5.82 5.64 -17.07
CA GLY B 164 6.89 6.52 -17.47
C GLY B 164 6.88 7.73 -16.55
N SER B 165 7.00 8.92 -17.16
CA SER B 165 6.84 10.18 -16.44
C SER B 165 5.38 10.63 -16.31
N VAL B 166 4.44 9.92 -16.90
CA VAL B 166 3.09 10.45 -17.06
C VAL B 166 2.18 9.82 -16.02
N ILE B 167 1.61 10.66 -15.18
CA ILE B 167 0.58 10.26 -14.24
C ILE B 167 -0.77 10.21 -14.95
N ASN B 168 -1.49 9.13 -14.80
CA ASN B 168 -2.86 9.07 -15.27
C ASN B 168 -3.81 9.22 -14.09
N PHE B 169 -4.49 10.37 -14.01
CA PHE B 169 -5.50 10.57 -12.96
C PHE B 169 -6.78 9.91 -13.42
N CYS B 170 -7.30 8.98 -12.61
CA CYS B 170 -8.44 8.17 -13.04
C CYS B 170 -9.61 8.20 -12.07
N TYR B 171 -9.44 8.75 -10.87
CA TYR B 171 -10.48 8.67 -9.85
C TYR B 171 -10.46 9.88 -8.94
N MET B 172 -11.64 10.40 -8.60
CA MET B 172 -11.76 11.42 -7.57
C MET B 172 -12.91 11.03 -6.66
N HIS B 173 -12.63 10.91 -5.37
CA HIS B 173 -13.52 10.23 -4.46
C HIS B 173 -14.79 11.04 -4.17
N GLN B 174 -15.95 10.35 -4.17
CA GLN B 174 -17.24 11.00 -3.95
C GLN B 174 -18.08 10.43 -2.82
N MET B 175 -18.12 9.10 -2.63
CA MET B 175 -19.12 8.55 -1.74
C MET B 175 -18.76 7.16 -1.24
N GLU B 176 -19.51 6.76 -0.22
CA GLU B 176 -19.46 5.44 0.37
C GLU B 176 -20.85 4.82 0.29
N LEU B 177 -20.90 3.53 0.01
CA LEU B 177 -22.16 2.83 -0.14
C LEU B 177 -22.49 2.09 1.15
N ALA B 178 -23.71 1.56 1.21
CA ALA B 178 -24.21 0.89 2.41
C ALA B 178 -23.32 -0.27 2.83
N ASN B 179 -22.76 -0.99 1.85
CA ASN B 179 -21.90 -2.12 2.15
C ASN B 179 -20.45 -1.72 2.38
N GLY B 180 -20.17 -0.43 2.60
CA GLY B 180 -18.84 0.04 2.98
C GLY B 180 -17.87 0.23 1.84
N THR B 181 -18.22 -0.15 0.62
CA THR B 181 -17.38 0.14 -0.53
C THR B 181 -17.62 1.57 -0.95
N HIS B 182 -16.90 2.00 -2.00
CA HIS B 182 -16.75 3.41 -2.31
C HIS B 182 -16.82 3.62 -3.81
N THR B 183 -17.18 4.84 -4.20
CA THR B 183 -17.07 5.17 -5.61
C THR B 183 -16.91 6.66 -5.80
N GLY B 184 -16.62 7.03 -7.04
CA GLY B 184 -16.22 8.38 -7.35
C GLY B 184 -16.25 8.62 -8.85
N SER B 185 -15.63 9.72 -9.27
CA SER B 185 -15.72 10.17 -10.65
C SER B 185 -14.43 9.90 -11.39
N ALA B 186 -14.55 9.80 -12.71
CA ALA B 186 -13.41 10.01 -13.57
C ALA B 186 -13.31 11.51 -13.85
N PHE B 187 -12.14 11.93 -14.34
CA PHE B 187 -11.90 13.34 -14.56
C PHE B 187 -12.55 13.86 -15.82
N ASP B 188 -13.23 13.01 -16.58
CA ASP B 188 -14.16 13.55 -17.57
C ASP B 188 -15.48 13.96 -16.93
N GLY B 189 -15.65 13.67 -15.63
CA GLY B 189 -16.80 14.11 -14.89
C GLY B 189 -17.82 13.02 -14.63
N THR B 190 -17.67 11.86 -15.25
CA THR B 190 -18.65 10.81 -15.09
C THR B 190 -18.40 10.06 -13.78
N MET B 191 -19.48 9.64 -13.13
CA MET B 191 -19.36 8.83 -11.94
C MET B 191 -19.15 7.38 -12.35
N TYR B 192 -18.23 6.70 -11.69
CA TYR B 192 -18.09 5.28 -11.98
C TYR B 192 -19.38 4.57 -11.58
N GLY B 193 -19.86 3.71 -12.46
CA GLY B 193 -21.09 3.01 -12.19
C GLY B 193 -22.26 3.95 -12.36
N ALA B 194 -23.41 3.45 -11.94
CA ALA B 194 -24.61 4.30 -12.04
C ALA B 194 -24.45 5.68 -11.38
N PHE B 195 -23.61 5.81 -10.38
CA PHE B 195 -24.11 6.45 -9.17
C PHE B 195 -24.27 7.96 -9.30
N MET B 196 -25.23 8.48 -8.55
CA MET B 196 -25.54 9.89 -8.52
C MET B 196 -24.93 10.49 -7.26
N ASP B 197 -24.37 11.69 -7.39
CA ASP B 197 -23.80 12.39 -6.23
C ASP B 197 -24.94 13.11 -5.50
N LYS B 198 -25.82 12.29 -4.92
CA LYS B 198 -26.90 12.71 -4.04
C LYS B 198 -26.83 11.85 -2.79
N GLN B 199 -27.29 12.40 -1.67
CA GLN B 199 -27.31 11.62 -0.44
C GLN B 199 -28.60 10.81 -0.42
N VAL B 200 -28.57 9.67 -1.09
CA VAL B 200 -29.71 8.76 -1.11
C VAL B 200 -29.17 7.34 -1.14
N HIS B 201 -29.95 6.42 -0.59
CA HIS B 201 -29.60 5.01 -0.66
C HIS B 201 -29.43 4.61 -2.13
N GLN B 202 -28.27 4.05 -2.45
CA GLN B 202 -28.01 3.48 -3.77
C GLN B 202 -27.39 2.11 -3.60
N VAL B 203 -27.89 1.15 -4.37
CA VAL B 203 -27.47 -0.24 -4.28
C VAL B 203 -26.59 -0.56 -5.48
N GLN B 204 -25.46 -1.18 -5.23
CA GLN B 204 -24.55 -1.55 -6.31
C GLN B 204 -24.98 -2.88 -6.91
N LEU B 205 -24.60 -3.08 -8.17
CA LEU B 205 -24.82 -4.35 -8.83
C LEU B 205 -24.00 -5.47 -8.19
N THR B 206 -24.35 -6.70 -8.57
CA THR B 206 -23.59 -7.86 -8.14
C THR B 206 -22.14 -7.78 -8.62
N ASP B 207 -21.22 -8.14 -7.74
CA ASP B 207 -19.82 -8.14 -8.13
C ASP B 207 -19.50 -9.43 -8.90
N LYS B 208 -18.26 -9.51 -9.38
CA LYS B 208 -17.76 -10.65 -10.14
C LYS B 208 -16.27 -10.80 -9.91
N TYR B 209 -15.77 -12.03 -10.03
CA TYR B 209 -14.33 -12.26 -10.04
C TYR B 209 -13.75 -11.73 -11.33
N CYS B 210 -12.58 -11.09 -11.22
CA CYS B 210 -11.84 -10.56 -12.37
C CYS B 210 -10.94 -11.65 -12.93
N SER B 211 -11.39 -12.28 -14.02
CA SER B 211 -10.76 -13.49 -14.52
C SER B 211 -9.30 -13.26 -14.87
N VAL B 212 -9.00 -12.16 -15.55
CA VAL B 212 -7.61 -11.95 -15.95
C VAL B 212 -6.70 -11.78 -14.74
N ASN B 213 -7.21 -11.27 -13.63
CA ASN B 213 -6.35 -11.14 -12.45
C ASN B 213 -6.17 -12.47 -11.75
N VAL B 214 -7.18 -13.33 -11.76
CA VAL B 214 -6.99 -14.66 -11.21
C VAL B 214 -5.95 -15.42 -12.02
N VAL B 215 -5.99 -15.27 -13.34
CA VAL B 215 -4.97 -15.91 -14.16
C VAL B 215 -3.59 -15.42 -13.74
N ALA B 216 -3.45 -14.10 -13.57
CA ALA B 216 -2.14 -13.55 -13.20
C ALA B 216 -1.64 -14.12 -11.89
N TRP B 217 -2.52 -14.21 -10.91
CA TRP B 217 -2.16 -14.72 -9.60
C TRP B 217 -1.76 -16.19 -9.65
N LEU B 218 -2.45 -16.98 -10.48
CA LEU B 218 -2.06 -18.37 -10.62
C LEU B 218 -0.70 -18.47 -11.29
N TYR B 219 -0.41 -17.60 -12.25
CA TYR B 219 0.94 -17.56 -12.79
C TYR B 219 1.96 -17.17 -11.72
N ALA B 220 1.63 -16.18 -10.89
CA ALA B 220 2.51 -15.87 -9.77
C ALA B 220 2.79 -17.10 -8.94
N ALA B 221 1.76 -17.91 -8.70
CA ALA B 221 1.95 -19.14 -7.92
C ALA B 221 2.92 -20.09 -8.64
N ILE B 222 2.71 -20.30 -9.93
CA ILE B 222 3.64 -21.13 -10.70
C ILE B 222 5.06 -20.58 -10.58
N LEU B 223 5.21 -19.26 -10.78
CA LEU B 223 6.53 -18.64 -10.67
C LEU B 223 7.13 -18.84 -9.28
N ASN B 224 6.31 -19.02 -8.26
CA ASN B 224 6.79 -19.16 -6.89
C ASN B 224 6.93 -20.61 -6.47
N GLY B 225 6.76 -21.57 -7.39
CA GLY B 225 6.98 -22.97 -7.11
C GLY B 225 5.73 -23.77 -6.84
N CYS B 226 4.59 -23.10 -6.74
CA CYS B 226 3.31 -23.72 -6.39
C CYS B 226 2.53 -23.96 -7.68
N ALA B 227 2.50 -25.19 -8.16
CA ALA B 227 1.82 -25.47 -9.41
C ALA B 227 1.07 -26.80 -9.37
N TRP B 228 0.77 -27.31 -8.16
CA TRP B 228 0.02 -28.55 -8.04
C TRP B 228 -1.29 -28.52 -8.82
N PHE B 229 -1.82 -27.34 -9.11
CA PHE B 229 -3.11 -27.22 -9.76
C PHE B 229 -3.04 -27.25 -11.28
N VAL B 230 -1.85 -27.27 -11.87
CA VAL B 230 -1.72 -27.28 -13.33
C VAL B 230 -1.91 -28.71 -13.84
N LYS B 231 -2.80 -28.88 -14.82
CA LYS B 231 -3.04 -30.14 -15.52
C LYS B 231 -2.81 -29.90 -17.01
N PRO B 232 -2.71 -30.96 -17.82
CA PRO B 232 -2.68 -30.78 -19.29
C PRO B 232 -3.95 -30.18 -19.82
N ASN B 233 -5.05 -30.41 -19.12
CA ASN B 233 -6.35 -29.99 -19.59
C ASN B 233 -6.44 -28.49 -19.80
N ARG B 234 -7.26 -28.12 -20.78
CA ARG B 234 -7.41 -26.77 -21.23
C ARG B 234 -8.87 -26.46 -21.48
N THR B 235 -9.21 -25.19 -21.29
CA THR B 235 -10.49 -24.61 -21.70
C THR B 235 -10.19 -23.37 -22.51
N SER B 236 -10.82 -23.27 -23.69
CA SER B 236 -10.56 -22.18 -24.61
C SER B 236 -11.10 -20.87 -24.04
N VAL B 237 -10.53 -19.76 -24.52
CA VAL B 237 -11.00 -18.45 -24.08
C VAL B 237 -12.50 -18.31 -24.33
N VAL B 238 -12.95 -18.61 -25.56
CA VAL B 238 -14.39 -18.44 -25.87
C VAL B 238 -15.24 -19.34 -24.99
N SER B 239 -14.82 -20.58 -24.77
CA SER B 239 -15.63 -21.43 -23.92
C SER B 239 -15.59 -20.98 -22.47
N PHE B 240 -14.43 -20.49 -22.01
CA PHE B 240 -14.37 -19.94 -20.66
C PHE B 240 -15.33 -18.77 -20.52
N ASN B 241 -15.36 -17.87 -21.50
CA ASN B 241 -16.18 -16.67 -21.33
C ASN B 241 -17.66 -17.01 -21.35
N GLU B 242 -18.07 -18.00 -22.16
CA GLU B 242 -19.43 -18.51 -22.06
C GLU B 242 -19.73 -18.97 -20.65
N TRP B 243 -18.83 -19.77 -20.09
CA TRP B 243 -19.00 -20.24 -18.72
C TRP B 243 -18.98 -19.08 -17.73
N ALA B 244 -18.23 -18.02 -18.03
CA ALA B 244 -18.03 -16.96 -17.04
C ALA B 244 -19.31 -16.14 -16.86
N LEU B 245 -19.98 -15.79 -17.97
CA LEU B 245 -21.28 -15.09 -17.88
C LEU B 245 -22.20 -15.75 -16.85
N ALA B 246 -22.15 -17.06 -16.74
CA ALA B 246 -23.12 -17.79 -15.94
C ALA B 246 -22.57 -18.24 -14.59
N ASN B 247 -21.35 -17.85 -14.23
CA ASN B 247 -20.78 -18.22 -12.94
C ASN B 247 -20.03 -17.06 -12.27
N GLN B 248 -20.38 -15.82 -12.62
CA GLN B 248 -19.96 -14.64 -11.86
C GLN B 248 -18.46 -14.38 -12.01
N PHE B 249 -17.97 -14.51 -13.23
CA PHE B 249 -16.62 -14.15 -13.61
C PHE B 249 -16.69 -13.16 -14.76
N THR B 250 -15.73 -12.24 -14.81
CA THR B 250 -15.65 -11.38 -15.96
C THR B 250 -15.18 -12.17 -17.17
N GLU B 251 -15.43 -11.60 -18.34
CA GLU B 251 -14.85 -12.09 -19.58
C GLU B 251 -13.34 -11.99 -19.52
N PHE B 252 -12.65 -13.00 -20.02
CA PHE B 252 -11.19 -12.96 -20.04
C PHE B 252 -10.75 -12.28 -21.32
N VAL B 253 -9.98 -11.20 -21.21
CA VAL B 253 -9.31 -10.61 -22.36
C VAL B 253 -7.82 -10.64 -22.10
N GLY B 254 -7.08 -11.21 -23.04
CA GLY B 254 -5.65 -11.31 -22.90
C GLY B 254 -4.93 -10.04 -23.30
N THR B 255 -3.69 -9.95 -22.83
CA THR B 255 -2.85 -8.77 -23.00
C THR B 255 -1.42 -9.25 -23.19
N GLN B 256 -0.55 -8.36 -23.68
CA GLN B 256 0.86 -8.70 -23.77
C GLN B 256 1.43 -9.03 -22.40
N SER B 257 0.82 -8.50 -21.34
CA SER B 257 1.33 -8.74 -19.99
C SER B 257 1.10 -10.20 -19.59
N VAL B 258 -0.12 -10.70 -19.80
CA VAL B 258 -0.39 -12.11 -19.56
C VAL B 258 0.53 -12.97 -20.43
N ASP B 259 0.65 -12.64 -21.71
CA ASP B 259 1.42 -13.48 -22.61
C ASP B 259 2.86 -13.59 -22.15
N MET B 260 3.41 -12.54 -21.52
CA MET B 260 4.75 -12.63 -20.97
CA MET B 260 4.75 -12.64 -20.98
C MET B 260 4.82 -13.71 -19.90
N LEU B 261 3.79 -13.82 -19.07
CA LEU B 261 3.81 -14.80 -17.99
C LEU B 261 3.67 -16.22 -18.55
N ALA B 262 2.80 -16.39 -19.54
CA ALA B 262 2.66 -17.68 -20.19
C ALA B 262 4.00 -18.11 -20.76
N VAL B 263 4.68 -17.19 -21.45
CA VAL B 263 5.97 -17.51 -22.04
C VAL B 263 6.96 -17.86 -20.94
N LYS B 264 6.97 -17.09 -19.87
CA LYS B 264 7.98 -17.34 -18.84
C LYS B 264 7.80 -18.71 -18.20
N THR B 265 6.55 -19.08 -17.87
CA THR B 265 6.25 -20.31 -17.15
C THR B 265 6.13 -21.52 -18.06
N GLY B 266 5.82 -21.32 -19.34
CA GLY B 266 5.51 -22.40 -20.24
C GLY B 266 4.15 -23.00 -20.03
N VAL B 267 3.32 -22.39 -19.19
CA VAL B 267 1.95 -22.85 -18.96
C VAL B 267 1.02 -21.94 -19.72
N ALA B 268 0.15 -22.52 -20.55
CA ALA B 268 -0.72 -21.72 -21.39
C ALA B 268 -1.88 -21.12 -20.59
N ILE B 269 -2.35 -19.97 -21.06
CA ILE B 269 -3.54 -19.33 -20.50
C ILE B 269 -4.66 -20.33 -20.34
N GLU B 270 -4.90 -21.11 -21.40
CA GLU B 270 -6.04 -22.01 -21.43
C GLU B 270 -5.95 -23.11 -20.36
N GLN B 271 -4.75 -23.50 -19.93
CA GLN B 271 -4.64 -24.43 -18.81
C GLN B 271 -5.11 -23.78 -17.52
N LEU B 272 -4.84 -22.49 -17.35
CA LEU B 272 -5.28 -21.80 -16.13
C LEU B 272 -6.77 -21.52 -16.15
N LEU B 273 -7.37 -21.32 -17.33
CA LEU B 273 -8.81 -21.14 -17.36
C LEU B 273 -9.53 -22.42 -16.96
N TYR B 274 -9.00 -23.57 -17.39
CA TYR B 274 -9.52 -24.84 -16.91
C TYR B 274 -9.33 -24.97 -15.41
N ALA B 275 -8.13 -24.63 -14.92
CA ALA B 275 -7.89 -24.70 -13.47
C ALA B 275 -8.90 -23.85 -12.71
N ILE B 276 -9.18 -22.63 -13.19
CA ILE B 276 -10.16 -21.76 -12.52
C ILE B 276 -11.51 -22.45 -12.41
N GLN B 277 -11.93 -23.13 -13.47
CA GLN B 277 -13.22 -23.84 -13.43
C GLN B 277 -13.23 -24.91 -12.36
N GLN B 278 -12.06 -25.48 -12.01
CA GLN B 278 -12.04 -26.50 -10.96
C GLN B 278 -11.88 -25.91 -9.57
N LEU B 279 -11.12 -24.82 -9.43
CA LEU B 279 -10.74 -24.28 -8.13
C LEU B 279 -11.77 -23.31 -7.56
N TYR B 280 -12.53 -22.68 -8.45
CA TYR B 280 -13.75 -21.92 -8.20
C TYR B 280 -14.39 -22.23 -6.85
N THR B 281 -14.66 -23.52 -6.66
CA THR B 281 -15.45 -24.08 -5.58
C THR B 281 -14.67 -24.32 -4.29
N GLY B 282 -13.35 -24.31 -4.36
CA GLY B 282 -12.50 -24.60 -3.22
C GLY B 282 -11.28 -25.40 -3.66
N PHE B 283 -10.26 -25.39 -2.81
CA PHE B 283 -9.02 -26.08 -3.09
C PHE B 283 -8.91 -27.46 -2.42
N GLN B 284 -9.95 -27.92 -1.75
CA GLN B 284 -9.97 -29.25 -1.12
C GLN B 284 -8.71 -29.51 -0.29
N GLY B 285 -8.47 -28.64 0.68
CA GLY B 285 -7.41 -28.84 1.62
C GLY B 285 -6.07 -28.25 1.24
N LYS B 286 -5.88 -27.87 -0.03
CA LYS B 286 -4.61 -27.30 -0.42
C LYS B 286 -4.67 -25.77 -0.37
N GLN B 287 -3.51 -25.16 -0.53
CA GLN B 287 -3.36 -23.72 -0.52
C GLN B 287 -2.64 -23.29 -1.78
N ILE B 288 -2.90 -22.05 -2.18
CA ILE B 288 -2.17 -21.38 -3.24
C ILE B 288 -1.73 -20.04 -2.69
N LEU B 289 -0.41 -19.80 -2.68
CA LEU B 289 0.16 -18.55 -2.21
C LEU B 289 -0.46 -18.15 -0.87
N GLY B 290 -0.50 -19.11 0.04
CA GLY B 290 -1.03 -18.87 1.37
C GLY B 290 -2.50 -18.55 1.40
N SER B 291 -3.26 -19.01 0.42
CA SER B 291 -4.68 -18.70 0.34
C SER B 291 -5.47 -19.96 0.06
N THR B 292 -6.74 -19.92 0.45
CA THR B 292 -7.65 -21.04 0.25
C THR B 292 -8.83 -20.66 -0.63
N MET B 293 -8.81 -19.46 -1.19
CA MET B 293 -9.78 -19.01 -2.18
C MET B 293 -9.00 -18.31 -3.30
N LEU B 294 -9.65 -18.12 -4.44
CA LEU B 294 -9.01 -17.42 -5.54
C LEU B 294 -8.88 -15.93 -5.23
N GLU B 295 -7.77 -15.36 -5.64
CA GLU B 295 -7.44 -13.96 -5.42
C GLU B 295 -7.48 -13.25 -6.76
N ASP B 296 -8.24 -12.16 -6.84
CA ASP B 296 -8.37 -11.44 -8.11
C ASP B 296 -7.99 -9.97 -8.03
N GLU B 297 -7.23 -9.56 -7.00
CA GLU B 297 -6.84 -8.16 -6.89
C GLU B 297 -5.38 -7.89 -7.26
N PHE B 298 -4.67 -8.88 -7.82
CA PHE B 298 -3.36 -8.66 -8.42
C PHE B 298 -3.44 -8.76 -9.94
N THR B 299 -2.80 -7.84 -10.61
CA THR B 299 -2.94 -7.75 -12.05
C THR B 299 -1.78 -8.40 -12.74
N PRO B 300 -1.91 -8.67 -14.04
CA PRO B 300 -0.75 -9.20 -14.77
C PRO B 300 0.46 -8.28 -14.59
N GLU B 301 0.22 -6.96 -14.62
CA GLU B 301 1.30 -6.01 -14.48
C GLU B 301 1.95 -6.10 -13.11
N ASP B 302 1.15 -6.23 -12.06
CA ASP B 302 1.67 -6.49 -10.72
C ASP B 302 2.62 -7.68 -10.72
N VAL B 303 2.17 -8.79 -11.32
CA VAL B 303 2.94 -10.03 -11.23
C VAL B 303 4.23 -9.90 -12.03
N ASN B 304 4.16 -9.30 -13.21
CA ASN B 304 5.37 -9.09 -14.00
C ASN B 304 6.37 -8.18 -13.28
N MET B 305 5.88 -7.18 -12.55
CA MET B 305 6.78 -6.23 -11.88
C MET B 305 7.44 -6.84 -10.65
N GLN B 306 6.66 -7.53 -9.81
CA GLN B 306 7.16 -7.92 -8.50
C GLN B 306 7.77 -9.30 -8.42
N ILE B 307 7.51 -10.18 -9.39
CA ILE B 307 8.10 -11.51 -9.39
C ILE B 307 9.25 -11.64 -10.39
N MET B 308 9.26 -10.84 -11.45
CA MET B 308 10.33 -10.88 -12.46
C MET B 308 11.15 -9.58 -12.48
C11 QZJ C . 20.18 -7.13 -2.46
C12 QZJ C . 18.61 -7.44 -2.39
C13 QZJ C . 18.32 -8.82 -2.55
C14 QZJ C . 16.90 -8.98 -2.45
C02 QZJ C . 21.41 -11.66 -0.73
C04 QZJ C . 22.52 -9.60 -0.58
C05 QZJ C . 23.96 -9.06 -0.45
C06 QZJ C . 24.77 -9.55 0.81
C07 QZJ C . 24.10 -9.19 2.07
C08 QZJ C . 26.14 -9.07 0.78
C09 QZJ C . 21.74 -8.82 -1.67
C16 QZJ C . 17.58 -10.10 -4.31
C17 QZJ C . 18.69 -9.33 -3.81
C19 QZJ C . 20.69 -5.61 -2.53
C23 QZJ C . 20.36 -13.73 -0.93
C24 QZJ C . 19.79 -13.76 -2.29
C25 QZJ C . 18.75 -14.75 -2.48
C26 QZJ C . 19.16 -16.15 -2.00
C27 QZJ C . 17.97 -17.10 -2.05
C28 QZJ C . 18.28 -18.52 -1.63
C29 QZJ C . 19.71 -16.11 -0.61
C30 QZJ C . 20.75 -15.10 -0.44
N03 QZJ C . 22.48 -10.95 -0.90
N10 QZJ C . 20.87 -7.80 -1.42
N15 QZJ C . 16.57 -9.81 -3.51
O01 QZJ C . 20.42 -11.18 -0.34
O18 QZJ C . 16.24 -8.63 -1.55
O20 QZJ C . 19.94 -4.91 -3.52
O21 QZJ C . 21.88 -9.16 -2.79
O22 QZJ C . 21.47 -12.95 -0.93
C11 QZJ D . -17.95 11.89 1.64
C12 QZJ D . -17.14 10.52 1.94
C13 QZJ D . -17.85 9.50 2.71
C14 QZJ D . -17.02 8.30 2.83
C02 QZJ D . -22.11 9.52 1.31
C04 QZJ D . -21.46 11.50 0.08
C05 QZJ D . -22.07 12.82 -0.36
C06 QZJ D . -23.14 12.67 -1.41
C07 QZJ D . -22.64 11.93 -2.59
C08 QZJ D . -23.70 13.96 -1.79
C09 QZJ D . -20.31 11.74 1.05
C16 QZJ D . -18.15 8.70 4.84
C17 QZJ D . -18.08 9.92 4.12
C19 QZJ D . -17.11 13.16 1.11
C23 QZJ D . -22.82 7.81 2.68
C24 QZJ D . -22.27 7.88 3.99
C25 QZJ D . -22.10 6.57 4.60
C26 QZJ D . -23.40 5.86 4.78
C27 QZJ D . -23.08 4.49 5.35
C28 QZJ D . -23.50 3.31 4.52
C29 QZJ D . -24.16 5.80 3.48
C30 QZJ D . -24.17 7.11 2.75
N03 QZJ D . -22.42 10.68 0.68
N10 QZJ D . -19.01 11.69 0.70
N15 QZJ D . -17.29 7.88 4.15
O01 QZJ D . -21.11 8.96 1.06
O18 QZJ D . -16.35 7.79 2.01
O20 QZJ D . -15.97 13.35 1.95
O21 QZJ D . -20.56 11.94 2.18
O22 QZJ D . -22.92 9.03 2.24
#